data_4Q6F
#
_entry.id   4Q6F
#
_cell.length_a   71.866
_cell.length_b   71.866
_cell.length_c   98.767
_cell.angle_alpha   90.00
_cell.angle_beta   90.00
_cell.angle_gamma   90.00
#
_symmetry.space_group_name_H-M   'P 43 21 2'
#
loop_
_entity.id
_entity.type
_entity.pdbx_description
1 polymer 'Bromodomain adjacent to zinc finger domain protein 2A'
2 polymer 'unmodified H3K4 peptide'
3 non-polymer 'ZINC ION'
4 non-polymer 1,2-ETHANEDIOL
5 water water
#
loop_
_entity_poly.entity_id
_entity_poly.type
_entity_poly.pdbx_seq_one_letter_code
_entity_poly.pdbx_strand_id
1 'polypeptide(L)' HMSVNKVTCLVCRKGDNDEFLLLCDGCDRGCHIYCHRPKMEAVPEGDWFCTVCLAQQV A,B,C,D
2 'polypeptide(L)' ARTKQ F,G,H
#
# COMPACT_ATOMS: atom_id res chain seq x y z
N SER A 3 -8.47 -23.03 3.91
CA SER A 3 -8.97 -21.70 4.38
C SER A 3 -10.46 -21.52 4.12
N VAL A 4 -10.81 -21.08 2.90
CA VAL A 4 -12.00 -20.21 2.63
C VAL A 4 -13.30 -20.54 3.38
N ASN A 5 -13.65 -21.83 3.49
CA ASN A 5 -14.79 -22.21 4.34
C ASN A 5 -14.61 -21.82 5.83
N LYS A 6 -13.37 -21.51 6.24
CA LYS A 6 -13.03 -21.11 7.62
C LYS A 6 -13.07 -19.58 7.87
N VAL A 7 -13.25 -18.78 6.82
CA VAL A 7 -13.24 -17.33 6.95
C VAL A 7 -14.45 -16.82 7.72
N THR A 8 -14.17 -15.88 8.61
CA THR A 8 -15.22 -15.27 9.44
C THR A 8 -15.17 -13.75 9.29
N CYS A 9 -16.27 -13.09 9.63
CA CYS A 9 -16.37 -11.65 9.51
C CYS A 9 -15.61 -10.97 10.61
N LEU A 10 -14.80 -9.97 10.25
CA LEU A 10 -14.02 -9.22 11.23
C LEU A 10 -14.89 -8.52 12.25
N VAL A 11 -16.11 -8.14 11.89
CA VAL A 11 -16.95 -7.32 12.75
C VAL A 11 -17.73 -8.20 13.72
N CYS A 12 -18.50 -9.15 13.18
CA CYS A 12 -19.44 -9.95 13.97
C CYS A 12 -18.85 -11.32 14.36
N ARG A 13 -17.72 -11.69 13.76
CA ARG A 13 -17.02 -12.96 14.05
C ARG A 13 -17.67 -14.25 13.60
N LYS A 14 -18.81 -14.17 12.89
CA LYS A 14 -19.47 -15.35 12.31
C LYS A 14 -19.07 -15.62 10.87
N GLY A 15 -19.25 -16.87 10.45
CA GLY A 15 -18.90 -17.29 9.10
C GLY A 15 -20.11 -17.61 8.24
N ASP A 16 -21.28 -17.17 8.67
CA ASP A 16 -22.52 -17.52 7.97
C ASP A 16 -22.79 -16.51 6.84
N ASN A 17 -23.86 -16.76 6.07
CA ASN A 17 -24.29 -15.86 4.99
C ASN A 17 -23.12 -15.59 4.04
N ASP A 18 -22.57 -16.70 3.56
CA ASP A 18 -21.36 -16.74 2.70
C ASP A 18 -21.38 -15.77 1.53
N GLU A 19 -22.52 -15.71 0.83
CA GLU A 19 -22.69 -14.81 -0.34
C GLU A 19 -22.62 -13.31 -0.02
N PHE A 20 -22.79 -12.96 1.25
CA PHE A 20 -22.61 -11.56 1.72
C PHE A 20 -21.23 -11.32 2.30
N LEU A 21 -20.40 -12.38 2.38
CA LEU A 21 -19.18 -12.34 3.19
C LEU A 21 -18.01 -12.06 2.27
N LEU A 22 -17.67 -10.78 2.24
CA LEU A 22 -16.60 -10.22 1.44
C LEU A 22 -15.21 -10.69 1.90
N LEU A 23 -14.43 -11.20 0.96
CA LEU A 23 -13.08 -11.68 1.23
C LEU A 23 -12.03 -10.58 0.89
N CYS A 24 -11.06 -10.37 1.79
CA CYS A 24 -9.95 -9.46 1.52
C CYS A 24 -9.11 -10.02 0.38
N ASP A 25 -8.75 -9.15 -0.57
CA ASP A 25 -7.80 -9.51 -1.63
C ASP A 25 -6.33 -9.53 -1.17
N GLY A 26 -6.02 -9.04 0.04
CA GLY A 26 -4.65 -9.05 0.55
C GLY A 26 -4.32 -10.08 1.62
N CYS A 27 -5.34 -10.74 2.18
CA CYS A 27 -5.12 -11.68 3.27
C CYS A 27 -6.29 -12.65 3.35
N ASP A 28 -6.35 -13.42 4.43
CA ASP A 28 -7.43 -14.37 4.69
C ASP A 28 -8.65 -13.84 5.46
N ARG A 29 -8.76 -12.52 5.66
CA ARG A 29 -9.86 -11.98 6.47
C ARG A 29 -11.08 -11.71 5.62
N GLY A 30 -12.19 -11.42 6.29
CA GLY A 30 -13.45 -11.10 5.62
C GLY A 30 -14.34 -10.15 6.38
N CYS A 31 -15.41 -9.74 5.71
CA CYS A 31 -16.38 -8.88 6.34
C CYS A 31 -17.69 -9.00 5.61
N HIS A 32 -18.77 -9.25 6.34
CA HIS A 32 -20.10 -9.16 5.73
C HIS A 32 -20.32 -7.78 5.19
N ILE A 33 -20.86 -7.68 3.99
CA ILE A 33 -21.23 -6.33 3.52
C ILE A 33 -22.20 -5.58 4.45
N TYR A 34 -23.07 -6.33 5.13
CA TYR A 34 -24.03 -5.70 6.04
C TYR A 34 -23.46 -5.31 7.39
N CYS A 35 -22.28 -5.80 7.72
CA CYS A 35 -21.58 -5.37 8.96
C CYS A 35 -20.67 -4.14 8.72
N HIS A 36 -20.34 -3.92 7.47
CA HIS A 36 -19.40 -2.89 7.09
C HIS A 36 -20.01 -1.55 7.37
N ARG A 37 -19.18 -0.64 7.86
CA ARG A 37 -19.56 0.79 8.02
C ARG A 37 -18.39 1.62 7.50
N PRO A 38 -18.66 2.57 6.56
CA PRO A 38 -19.96 3.01 6.02
C PRO A 38 -20.63 1.94 5.14
N LYS A 39 -21.87 2.21 4.85
CA LYS A 39 -22.76 1.31 4.15
C LYS A 39 -22.16 0.80 2.88
N MET A 40 -22.18 -0.54 2.75
CA MET A 40 -21.80 -1.19 1.52
C MET A 40 -23.03 -2.00 1.10
N GLU A 41 -23.65 -1.61 0.00
CA GLU A 41 -24.88 -2.21 -0.47
C GLU A 41 -24.69 -3.46 -1.28
N ALA A 42 -23.50 -3.65 -1.84
CA ALA A 42 -23.27 -4.76 -2.75
C ALA A 42 -21.80 -5.12 -2.66
N VAL A 43 -21.49 -6.34 -3.06
CA VAL A 43 -20.10 -6.76 -3.19
C VAL A 43 -19.44 -5.92 -4.28
N PRO A 44 -18.27 -5.33 -3.99
CA PRO A 44 -17.67 -4.50 -5.03
C PRO A 44 -17.07 -5.32 -6.20
N GLU A 45 -16.99 -4.72 -7.39
CA GLU A 45 -16.40 -5.36 -8.54
C GLU A 45 -14.88 -5.36 -8.45
N GLY A 46 -14.29 -4.29 -7.92
CA GLY A 46 -12.83 -4.22 -7.87
C GLY A 46 -12.23 -4.98 -6.69
N ASP A 47 -10.93 -4.79 -6.47
CA ASP A 47 -10.28 -5.35 -5.29
C ASP A 47 -10.75 -4.65 -4.02
N TRP A 48 -10.76 -5.42 -2.94
CA TRP A 48 -11.10 -4.92 -1.62
C TRP A 48 -10.06 -5.37 -0.62
N PHE A 49 -9.56 -4.42 0.17
CA PHE A 49 -8.58 -4.65 1.21
C PHE A 49 -9.13 -4.30 2.56
N CYS A 50 -8.97 -5.24 3.48
CA CYS A 50 -9.34 -5.06 4.87
C CYS A 50 -8.47 -4.02 5.59
N THR A 51 -8.87 -3.68 6.82
CA THR A 51 -8.17 -2.69 7.63
C THR A 51 -6.73 -3.11 8.01
N VAL A 52 -6.50 -4.40 8.16
CA VAL A 52 -5.16 -4.88 8.42
C VAL A 52 -4.25 -4.68 7.19
N CYS A 53 -4.79 -4.98 6.01
CA CYS A 53 -4.00 -4.81 4.80
C CYS A 53 -3.75 -3.34 4.51
N LEU A 54 -4.76 -2.49 4.69
CA LEU A 54 -4.56 -1.05 4.54
C LEU A 54 -3.43 -0.50 5.38
N ALA A 55 -3.32 -0.97 6.62
CA ALA A 55 -2.28 -0.49 7.51
C ALA A 55 -0.88 -0.85 6.96
N GLN A 56 -0.77 -1.79 6.02
CA GLN A 56 0.52 -2.15 5.42
C GLN A 56 0.94 -1.28 4.24
N GLN A 57 0.00 -0.50 3.72
CA GLN A 57 0.23 0.32 2.53
C GLN A 57 1.18 1.48 2.83
N VAL A 58 1.80 2.02 1.79
CA VAL A 58 2.56 3.27 1.93
C VAL A 58 2.11 4.28 0.87
N ASN B 5 2.98 -15.42 0.21
CA ASN B 5 1.68 -14.90 -0.28
C ASN B 5 0.70 -14.57 0.88
N LYS B 6 -0.40 -13.86 0.59
CA LYS B 6 -0.58 -13.10 -0.65
C LYS B 6 0.18 -11.78 -0.47
N VAL B 7 1.33 -11.67 -1.13
CA VAL B 7 2.08 -10.43 -1.13
C VAL B 7 1.45 -9.52 -2.17
N THR B 8 1.36 -8.25 -1.82
CA THR B 8 0.75 -7.23 -2.68
C THR B 8 1.87 -6.22 -3.01
N CYS B 9 1.87 -5.69 -4.23
CA CYS B 9 2.82 -4.66 -4.61
C CYS B 9 2.45 -3.31 -3.96
N LEU B 10 3.44 -2.66 -3.34
CA LEU B 10 3.25 -1.40 -2.65
C LEU B 10 2.91 -0.25 -3.60
N VAL B 11 3.27 -0.39 -4.88
CA VAL B 11 2.98 0.66 -5.87
C VAL B 11 1.62 0.51 -6.53
N CYS B 12 1.37 -0.63 -7.18
CA CYS B 12 0.11 -0.82 -7.92
C CYS B 12 -1.00 -1.49 -7.08
N ARG B 13 -0.70 -2.02 -5.91
CA ARG B 13 -1.70 -2.71 -5.07
C ARG B 13 -2.25 -4.01 -5.66
N LYS B 14 -1.50 -4.62 -6.56
CA LYS B 14 -1.87 -5.93 -7.12
C LYS B 14 -0.88 -6.99 -6.63
N GLY B 15 -1.38 -8.22 -6.54
CA GLY B 15 -0.57 -9.38 -6.18
C GLY B 15 -0.39 -10.37 -7.33
N ASP B 16 -0.48 -9.86 -8.56
CA ASP B 16 -0.33 -10.68 -9.75
C ASP B 16 1.11 -10.73 -10.27
N ASN B 17 1.35 -11.65 -11.20
CA ASN B 17 2.65 -11.84 -11.81
C ASN B 17 3.76 -12.14 -10.80
N ASP B 18 3.57 -13.26 -10.10
CA ASP B 18 4.39 -13.61 -8.94
C ASP B 18 5.87 -13.57 -9.23
N GLU B 19 6.29 -13.99 -10.42
CA GLU B 19 7.71 -14.11 -10.73
C GLU B 19 8.36 -12.73 -10.81
N PHE B 20 7.56 -11.68 -11.01
CA PHE B 20 8.03 -10.29 -11.04
C PHE B 20 7.88 -9.57 -9.69
N LEU B 21 7.31 -10.26 -8.72
CA LEU B 21 6.89 -9.60 -7.50
C LEU B 21 7.93 -9.86 -6.42
N LEU B 22 8.76 -8.85 -6.15
CA LEU B 22 9.77 -8.90 -5.08
C LEU B 22 9.18 -8.87 -3.70
N LEU B 23 9.80 -9.63 -2.81
CA LEU B 23 9.49 -9.65 -1.40
C LEU B 23 10.55 -8.86 -0.64
N CYS B 24 10.12 -7.93 0.20
CA CYS B 24 11.08 -7.18 0.99
C CYS B 24 11.86 -8.15 1.89
N ASP B 25 13.18 -7.96 1.95
CA ASP B 25 14.01 -8.73 2.88
C ASP B 25 13.86 -8.31 4.33
N GLY B 26 13.14 -7.22 4.61
CA GLY B 26 12.99 -6.76 5.96
C GLY B 26 11.60 -6.80 6.55
N CYS B 27 10.59 -7.07 5.71
CA CYS B 27 9.23 -7.14 6.21
C CYS B 27 8.42 -7.99 5.22
N ASP B 28 7.09 -7.97 5.33
CA ASP B 28 6.23 -8.77 4.44
C ASP B 28 5.70 -8.05 3.22
N ARG B 29 6.14 -6.81 3.02
CA ARG B 29 5.71 -6.03 1.87
C ARG B 29 6.39 -6.47 0.55
N GLY B 30 5.85 -6.03 -0.56
CA GLY B 30 6.33 -6.42 -1.90
C GLY B 30 6.35 -5.30 -2.90
N CYS B 31 6.93 -5.55 -4.07
CA CYS B 31 6.91 -4.56 -5.13
C CYS B 31 7.25 -5.22 -6.43
N HIS B 32 6.48 -5.01 -7.48
CA HIS B 32 6.89 -5.54 -8.79
C HIS B 32 8.15 -4.89 -9.27
N ILE B 33 9.01 -5.66 -9.98
CA ILE B 33 10.23 -5.10 -10.52
C ILE B 33 9.91 -4.03 -11.55
N TYR B 34 8.80 -4.19 -12.24
CA TYR B 34 8.41 -3.22 -13.23
C TYR B 34 7.73 -1.98 -12.65
N CYS B 35 7.29 -2.01 -11.40
CA CYS B 35 6.66 -0.83 -10.75
C CYS B 35 7.69 0.01 -10.01
N HIS B 36 8.83 -0.58 -9.68
CA HIS B 36 9.84 0.12 -8.88
C HIS B 36 10.38 1.29 -9.68
N ARG B 37 10.65 2.39 -8.98
CA ARG B 37 11.38 3.52 -9.57
C ARG B 37 12.38 3.97 -8.52
N PRO B 38 13.69 3.93 -8.80
CA PRO B 38 14.31 3.62 -10.08
C PRO B 38 13.98 2.23 -10.64
N LYS B 39 14.05 2.16 -11.95
CA LYS B 39 13.67 0.97 -12.69
C LYS B 39 14.60 -0.17 -12.44
N MET B 40 14.04 -1.36 -12.48
CA MET B 40 14.79 -2.61 -12.43
C MET B 40 14.49 -3.37 -13.71
N GLU B 41 15.48 -4.09 -14.21
CA GLU B 41 15.25 -4.91 -15.38
C GLU B 41 15.13 -6.40 -15.09
N ALA B 42 15.37 -6.78 -13.84
CA ALA B 42 15.31 -8.18 -13.41
C ALA B 42 15.32 -8.21 -11.90
N VAL B 43 15.09 -9.40 -11.36
CA VAL B 43 15.15 -9.64 -9.94
C VAL B 43 16.61 -9.45 -9.54
N PRO B 44 16.87 -8.59 -8.54
CA PRO B 44 18.27 -8.37 -8.16
C PRO B 44 18.87 -9.57 -7.47
N GLU B 45 20.20 -9.69 -7.55
CA GLU B 45 20.96 -10.70 -6.81
C GLU B 45 20.99 -10.27 -5.34
N GLY B 46 21.34 -9.01 -5.10
CA GLY B 46 21.43 -8.45 -3.75
C GLY B 46 20.10 -8.41 -3.02
N ASP B 47 20.12 -8.00 -1.75
CA ASP B 47 18.91 -7.90 -0.95
C ASP B 47 18.13 -6.69 -1.42
N TRP B 48 16.80 -6.75 -1.32
CA TRP B 48 15.94 -5.60 -1.62
C TRP B 48 15.09 -5.22 -0.42
N PHE B 49 15.08 -3.91 -0.12
CA PHE B 49 14.30 -3.37 0.96
C PHE B 49 13.29 -2.38 0.40
N CYS B 50 12.07 -2.49 0.93
CA CYS B 50 11.05 -1.49 0.67
C CYS B 50 11.40 -0.19 1.42
N THR B 51 10.58 0.83 1.18
CA THR B 51 10.82 2.16 1.73
C THR B 51 10.44 2.27 3.20
N VAL B 52 9.52 1.44 3.68
CA VAL B 52 9.30 1.37 5.13
C VAL B 52 10.59 0.90 5.83
N CYS B 53 11.17 -0.16 5.32
CA CYS B 53 12.42 -0.70 5.83
C CYS B 53 13.63 0.26 5.70
N LEU B 54 13.73 0.92 4.54
CA LEU B 54 14.73 1.96 4.40
C LEU B 54 14.56 3.06 5.44
N ALA B 55 13.34 3.42 5.76
CA ALA B 55 13.14 4.45 6.79
C ALA B 55 13.51 4.00 8.20
N GLN B 56 13.67 2.70 8.43
CA GLN B 56 14.12 2.18 9.75
C GLN B 56 15.64 2.15 9.96
N GLN B 57 16.37 2.29 8.87
CA GLN B 57 17.82 2.31 8.93
C GLN B 57 18.36 3.49 9.72
N VAL B 58 19.55 3.30 10.28
CA VAL B 58 20.37 4.35 10.88
C VAL B 58 21.81 4.21 10.35
N LYS C 6 26.90 17.62 -10.83
CA LYS C 6 26.73 16.77 -12.06
C LYS C 6 25.65 15.70 -11.87
N VAL C 7 25.36 15.34 -10.62
CA VAL C 7 24.48 14.22 -10.32
C VAL C 7 23.05 14.51 -10.71
N THR C 8 22.44 13.59 -11.46
CA THR C 8 21.04 13.73 -11.82
C THR C 8 20.20 12.51 -11.41
N CYS C 9 18.91 12.73 -11.34
CA CYS C 9 17.96 11.73 -10.93
C CYS C 9 17.74 10.72 -12.05
N LEU C 10 17.88 9.46 -11.68
CA LEU C 10 17.60 8.37 -12.59
C LEU C 10 16.21 8.44 -13.22
N VAL C 11 15.21 8.92 -12.51
CA VAL C 11 13.84 8.70 -12.97
C VAL C 11 13.43 9.81 -13.90
N CYS C 12 13.71 11.03 -13.48
CA CYS C 12 13.30 12.22 -14.22
C CYS C 12 14.47 12.86 -15.02
N ARG C 13 15.71 12.47 -14.74
CA ARG C 13 16.90 13.02 -15.43
C ARG C 13 17.29 14.44 -15.03
N LYS C 14 16.61 15.03 -14.05
CA LYS C 14 16.91 16.39 -13.63
C LYS C 14 17.83 16.38 -12.43
N GLY C 15 18.57 17.48 -12.25
CA GLY C 15 19.50 17.62 -11.13
C GLY C 15 19.11 18.72 -10.16
N ASP C 16 17.91 19.27 -10.32
CA ASP C 16 17.36 20.28 -9.40
C ASP C 16 16.95 19.68 -8.03
N ASN C 17 16.44 20.53 -7.14
CA ASN C 17 15.98 20.15 -5.82
C ASN C 17 16.98 19.25 -5.11
N ASP C 18 18.23 19.71 -5.07
CA ASP C 18 19.40 18.95 -4.63
C ASP C 18 19.28 18.39 -3.25
N GLU C 19 18.62 19.14 -2.38
CA GLU C 19 18.38 18.71 -1.01
C GLU C 19 17.49 17.44 -0.92
N PHE C 20 16.71 17.19 -1.97
CA PHE C 20 15.81 16.01 -2.04
C PHE C 20 16.34 14.89 -2.95
N LEU C 21 17.55 15.12 -3.46
CA LEU C 21 18.16 14.28 -4.47
C LEU C 21 19.16 13.34 -3.81
N LEU C 22 18.66 12.19 -3.42
CA LEU C 22 19.40 11.13 -2.74
C LEU C 22 20.51 10.56 -3.63
N LEU C 23 21.71 10.44 -3.05
CA LEU C 23 22.88 9.87 -3.70
C LEU C 23 23.04 8.38 -3.36
N CYS C 24 23.37 7.57 -4.38
CA CYS C 24 23.67 6.17 -4.19
C CYS C 24 25.03 6.04 -3.54
N ASP C 25 25.15 5.14 -2.55
CA ASP C 25 26.43 4.89 -1.89
C ASP C 25 27.38 4.01 -2.70
N GLY C 26 26.91 3.43 -3.81
CA GLY C 26 27.69 2.55 -4.67
C GLY C 26 28.25 3.17 -5.95
N CYS C 27 27.65 4.24 -6.45
CA CYS C 27 28.00 4.81 -7.75
C CYS C 27 27.70 6.31 -7.73
N ASP C 28 27.82 6.98 -8.89
CA ASP C 28 27.54 8.41 -8.97
C ASP C 28 26.06 8.74 -9.28
N ARG C 29 25.15 7.77 -9.15
CA ARG C 29 23.73 8.00 -9.54
C ARG C 29 22.88 8.56 -8.39
N GLY C 30 21.78 9.23 -8.76
CA GLY C 30 20.88 9.83 -7.77
C GLY C 30 19.43 9.45 -8.04
N CYS C 31 18.58 9.75 -7.06
CA CYS C 31 17.13 9.69 -7.24
C CYS C 31 16.42 10.68 -6.28
N HIS C 32 15.58 11.54 -6.83
CA HIS C 32 14.73 12.43 -5.99
C HIS C 32 13.87 11.53 -5.16
N ILE C 33 13.72 11.84 -3.88
CA ILE C 33 12.82 11.03 -3.05
C ILE C 33 11.39 11.09 -3.59
N TYR C 34 11.02 12.21 -4.21
CA TYR C 34 9.67 12.33 -4.80
C TYR C 34 9.48 11.59 -6.14
N CYS C 35 10.57 11.15 -6.75
CA CYS C 35 10.44 10.31 -7.93
C CYS C 35 10.46 8.83 -7.56
N HIS C 36 10.81 8.51 -6.33
CA HIS C 36 10.93 7.11 -5.94
C HIS C 36 9.56 6.41 -5.85
N ARG C 37 9.55 5.15 -6.26
CA ARG C 37 8.40 4.24 -6.11
C ARG C 37 8.94 2.91 -5.67
N PRO C 38 8.44 2.36 -4.56
CA PRO C 38 7.40 2.86 -3.68
C PRO C 38 7.74 4.19 -3.04
N LYS C 39 6.71 4.80 -2.46
CA LYS C 39 6.78 6.10 -1.83
C LYS C 39 7.90 6.22 -0.79
N MET C 40 8.68 7.29 -0.90
CA MET C 40 9.79 7.56 0.02
C MET C 40 9.56 8.97 0.58
N GLU C 41 9.17 9.05 1.85
CA GLU C 41 8.87 10.31 2.55
C GLU C 41 10.07 11.16 2.96
N ALA C 42 11.22 10.55 3.13
CA ALA C 42 12.36 11.25 3.68
C ALA C 42 13.61 10.60 3.15
N VAL C 43 14.69 11.38 3.06
CA VAL C 43 16.00 10.82 2.77
C VAL C 43 16.31 9.77 3.85
N PRO C 44 16.61 8.51 3.44
CA PRO C 44 16.93 7.46 4.41
C PRO C 44 18.26 7.69 5.11
N GLU C 45 18.38 7.22 6.35
CA GLU C 45 19.68 7.18 6.98
C GLU C 45 20.36 5.89 6.56
N GLY C 46 21.64 5.82 6.86
CA GLY C 46 22.43 4.67 6.50
C GLY C 46 22.71 4.63 5.03
N ASP C 47 22.91 3.41 4.54
CA ASP C 47 23.23 3.20 3.15
C ASP C 47 21.99 3.08 2.29
N TRP C 48 22.11 3.60 1.07
CA TRP C 48 21.10 3.39 0.02
C TRP C 48 21.86 3.07 -1.29
N PHE C 49 21.42 2.02 -1.99
CA PHE C 49 21.98 1.65 -3.26
C PHE C 49 20.90 1.70 -4.30
N CYS C 50 21.26 2.33 -5.42
CA CYS C 50 20.44 2.41 -6.58
C CYS C 50 20.25 1.04 -7.18
N THR C 51 19.28 0.96 -8.09
CA THR C 51 18.97 -0.31 -8.74
C THR C 51 20.06 -0.78 -9.72
N VAL C 52 20.87 0.13 -10.24
CA VAL C 52 21.99 -0.28 -11.11
C VAL C 52 23.02 -1.04 -10.28
N CYS C 53 23.34 -0.55 -9.09
CA CYS C 53 24.24 -1.27 -8.18
C CYS C 53 23.70 -2.62 -7.71
N LEU C 54 22.41 -2.70 -7.42
CA LEU C 54 21.81 -3.95 -6.94
C LEU C 54 21.66 -4.99 -8.01
N ALA C 55 21.72 -4.57 -9.28
CA ALA C 55 21.76 -5.51 -10.40
C ALA C 55 22.95 -6.50 -10.36
N GLN C 56 23.89 -6.33 -9.41
CA GLN C 56 24.96 -7.31 -9.21
C GLN C 56 25.07 -7.70 -7.76
N LYS D 6 -13.85 20.76 5.04
CA LYS D 6 -15.18 20.46 5.67
C LYS D 6 -15.60 19.01 5.38
N VAL D 7 -14.64 18.12 5.57
CA VAL D 7 -14.90 16.69 5.41
C VAL D 7 -15.74 16.22 6.61
N THR D 8 -16.76 15.42 6.35
CA THR D 8 -17.56 14.93 7.43
C THR D 8 -17.59 13.42 7.31
N CYS D 9 -17.80 12.77 8.45
CA CYS D 9 -17.87 11.34 8.58
C CYS D 9 -19.16 10.80 7.96
N LEU D 10 -19.04 9.84 7.06
CA LEU D 10 -20.21 9.19 6.49
C LEU D 10 -21.04 8.46 7.55
N VAL D 11 -20.43 8.04 8.65
CA VAL D 11 -21.15 7.20 9.61
C VAL D 11 -21.89 8.05 10.61
N CYS D 12 -21.18 8.94 11.26
CA CYS D 12 -21.75 9.75 12.34
C CYS D 12 -22.16 11.17 11.90
N ARG D 13 -21.81 11.56 10.68
CA ARG D 13 -22.19 12.84 10.10
C ARG D 13 -21.48 14.04 10.70
N LYS D 14 -20.41 13.82 11.47
CA LYS D 14 -19.75 14.95 12.10
C LYS D 14 -18.40 15.16 11.44
N GLY D 15 -17.91 16.38 11.51
CA GLY D 15 -16.54 16.66 11.04
C GLY D 15 -15.55 17.00 12.16
N ASP D 16 -15.87 16.67 13.41
CA ASP D 16 -14.95 16.93 14.52
C ASP D 16 -13.78 15.93 14.49
N ASN D 17 -12.75 16.20 15.30
CA ASN D 17 -11.60 15.31 15.42
C ASN D 17 -11.02 14.94 14.07
N ASP D 18 -10.77 15.95 13.25
CA ASP D 18 -10.46 15.73 11.82
C ASP D 18 -9.14 15.02 11.59
N GLU D 19 -8.25 15.00 12.58
CA GLU D 19 -7.03 14.18 12.48
C GLU D 19 -7.35 12.67 12.45
N PHE D 20 -8.53 12.29 12.86
CA PHE D 20 -8.92 10.87 12.84
C PHE D 20 -9.87 10.52 11.66
N LEU D 21 -10.05 11.46 10.75
CA LEU D 21 -10.90 11.24 9.58
C LEU D 21 -10.13 10.60 8.43
N LEU D 22 -10.62 9.47 7.97
CA LEU D 22 -10.19 8.96 6.65
C LEU D 22 -10.72 9.94 5.60
N LEU D 23 -9.92 10.29 4.61
CA LEU D 23 -10.38 11.13 3.51
C LEU D 23 -10.35 10.29 2.24
N CYS D 24 -11.47 10.20 1.53
CA CYS D 24 -11.50 9.35 0.32
C CYS D 24 -10.56 9.83 -0.74
N ASP D 25 -9.86 8.92 -1.39
CA ASP D 25 -9.04 9.36 -2.52
C ASP D 25 -9.80 9.63 -3.81
N GLY D 26 -11.07 9.25 -3.87
CA GLY D 26 -11.82 9.40 -5.09
C GLY D 26 -12.85 10.51 -5.06
N CYS D 27 -13.16 11.06 -3.88
CA CYS D 27 -14.29 11.98 -3.74
C CYS D 27 -14.14 12.79 -2.48
N ASP D 28 -15.14 13.58 -2.11
CA ASP D 28 -14.96 14.45 -0.94
C ASP D 28 -15.48 13.86 0.38
N ARG D 29 -15.82 12.58 0.35
CA ARG D 29 -16.35 11.93 1.51
C ARG D 29 -15.23 11.49 2.51
N GLY D 30 -15.63 11.18 3.73
CA GLY D 30 -14.69 10.74 4.75
C GLY D 30 -15.34 9.86 5.77
N CYS D 31 -14.55 9.44 6.75
CA CYS D 31 -15.03 8.56 7.80
C CYS D 31 -14.02 8.54 8.95
N HIS D 32 -14.45 8.69 10.19
CA HIS D 32 -13.53 8.53 11.28
C HIS D 32 -13.06 7.10 11.39
N ILE D 33 -11.80 6.93 11.76
CA ILE D 33 -11.29 5.56 11.95
C ILE D 33 -12.02 4.80 13.05
N TYR D 34 -12.53 5.52 14.03
CA TYR D 34 -13.27 4.89 15.09
C TYR D 34 -14.76 4.66 14.76
N CYS D 35 -15.26 5.25 13.67
CA CYS D 35 -16.61 4.94 13.19
C CYS D 35 -16.63 3.83 12.15
N HIS D 36 -15.53 3.63 11.48
CA HIS D 36 -15.43 2.61 10.44
C HIS D 36 -15.63 1.21 11.07
N ARG D 37 -16.24 0.32 10.31
CA ARG D 37 -16.37 -1.12 10.67
C ARG D 37 -15.98 -1.91 9.43
N PRO D 38 -14.92 -2.73 9.54
CA PRO D 38 -14.09 -2.97 10.70
C PRO D 38 -13.37 -1.70 11.19
N LYS D 39 -13.17 -1.56 12.49
CA LYS D 39 -12.42 -0.42 13.04
C LYS D 39 -10.94 -0.43 12.67
N MET D 40 -10.40 0.77 12.57
CA MET D 40 -9.01 1.01 12.27
C MET D 40 -8.33 1.65 13.47
N GLU D 41 -7.08 1.27 13.70
CA GLU D 41 -6.30 1.76 14.81
C GLU D 41 -5.66 3.10 14.47
N ALA D 42 -5.46 3.39 13.20
CA ALA D 42 -4.76 4.58 12.76
C ALA D 42 -5.22 4.89 11.36
N VAL D 43 -5.11 6.15 10.97
CA VAL D 43 -5.30 6.53 9.59
C VAL D 43 -4.17 5.89 8.77
N PRO D 44 -4.52 5.06 7.75
CA PRO D 44 -3.47 4.42 6.96
C PRO D 44 -2.73 5.40 6.05
N GLU D 45 -1.52 5.02 5.63
CA GLU D 45 -0.89 5.72 4.51
C GLU D 45 -1.40 5.19 3.17
N GLY D 46 -1.06 5.87 2.09
CA GLY D 46 -1.57 5.47 0.79
C GLY D 46 -3.07 5.69 0.65
N ASP D 47 -3.72 4.88 -0.18
CA ASP D 47 -5.11 5.15 -0.61
C ASP D 47 -6.21 4.43 0.14
N TRP D 48 -7.19 5.20 0.63
CA TRP D 48 -8.46 4.70 1.13
C TRP D 48 -9.56 5.20 0.16
N PHE D 49 -10.48 4.30 -0.17
CA PHE D 49 -11.58 4.63 -1.04
C PHE D 49 -12.84 4.33 -0.26
N CYS D 50 -13.78 5.29 -0.27
CA CYS D 50 -15.03 5.11 0.42
C CYS D 50 -15.84 4.06 -0.32
N THR D 51 -16.99 3.68 0.27
CA THR D 51 -17.85 2.63 -0.29
C THR D 51 -18.59 3.10 -1.55
N VAL D 52 -18.89 4.40 -1.65
CA VAL D 52 -19.48 4.92 -2.90
C VAL D 52 -18.49 4.76 -4.04
N CYS D 53 -17.25 5.18 -3.83
CA CYS D 53 -16.23 5.00 -4.82
C CYS D 53 -16.03 3.54 -5.18
N LEU D 54 -15.97 2.67 -4.17
CA LEU D 54 -15.88 1.22 -4.37
C LEU D 54 -17.04 0.67 -5.21
N ALA D 55 -18.24 1.19 -5.01
CA ALA D 55 -19.40 0.73 -5.76
C ALA D 55 -19.42 1.19 -7.24
N GLN D 56 -18.68 2.23 -7.59
CA GLN D 56 -18.67 2.80 -8.96
C GLN D 56 -17.91 1.95 -9.94
N GLN D 57 -16.85 1.32 -9.43
CA GLN D 57 -15.98 0.50 -10.23
C GLN D 57 -16.84 -0.52 -11.02
N VAL D 58 -16.57 -0.67 -12.31
CA VAL D 58 -17.27 -1.66 -13.16
C VAL D 58 -16.36 -2.86 -13.47
N ALA E 1 -14.05 -7.96 -6.43
CA ALA E 1 -13.90 -8.67 -5.13
C ALA E 1 -14.78 -9.89 -5.11
N ARG E 2 -14.44 -10.87 -4.29
CA ARG E 2 -15.26 -12.07 -4.20
C ARG E 2 -15.74 -12.34 -2.80
N THR E 3 -16.66 -13.29 -2.69
CA THR E 3 -17.30 -13.69 -1.46
C THR E 3 -16.85 -15.10 -1.10
N LYS E 4 -17.13 -15.48 0.15
CA LYS E 4 -16.86 -16.82 0.65
C LYS E 4 -17.65 -17.87 -0.14
N GLN E 5 -18.81 -17.51 -0.69
CA GLN E 5 -19.54 -18.45 -1.54
C GLN E 5 -18.77 -18.83 -2.82
N ALA F 1 17.88 -11.03 -3.93
CA ALA F 1 16.43 -10.78 -3.65
C ALA F 1 15.57 -11.98 -4.07
N ARG F 2 14.45 -12.18 -3.39
CA ARG F 2 13.55 -13.27 -3.78
C ARG F 2 12.12 -12.76 -4.13
N THR F 3 11.37 -13.65 -4.79
CA THR F 3 10.06 -13.31 -5.31
C THR F 3 9.02 -14.23 -4.75
N LYS F 4 7.77 -13.84 -4.97
CA LYS F 4 6.62 -14.61 -4.54
C LYS F 4 6.66 -15.98 -5.25
N GLN F 5 6.79 -15.91 -6.58
CA GLN F 5 6.95 -17.04 -7.51
C GLN F 5 6.45 -18.41 -7.04
N ALA G 1 22.21 8.16 4.40
CA ALA G 1 22.56 8.52 2.98
C ALA G 1 22.77 10.03 2.86
N ARG G 2 23.45 10.45 1.78
CA ARG G 2 23.69 11.88 1.51
C ARG G 2 22.78 12.37 0.38
N THR G 3 22.77 13.70 0.19
CA THR G 3 22.08 14.35 -0.93
C THR G 3 23.08 15.22 -1.71
N LYS G 4 22.72 15.53 -2.96
CA LYS G 4 23.59 16.31 -3.86
C LYS G 4 24.18 17.57 -3.23
#